data_8PDQ
#
_entry.id   8PDQ
#
_cell.length_a   1.00
_cell.length_b   1.00
_cell.length_c   1.00
_cell.angle_alpha   90.00
_cell.angle_beta   90.00
_cell.angle_gamma   90.00
#
_symmetry.space_group_name_H-M   'P 1'
#
loop_
_entity.id
_entity.type
_entity.pdbx_description
1 polymer Nucleoprotein
2 polymer Phosphoprotein
3 polymer RNA
#
loop_
_entity_poly.entity_id
_entity_poly.type
_entity_poly.pdbx_seq_one_letter_code
_entity_poly.pdbx_strand_id
1 'polypeptide(L)'
;MSLQGIHLSDLSYKHAILKESQYTIKRDVGTTTAVTPSSLQQEITLLCGEILYAKHADYKYAAEIGIQYISTALGSERVQ
QILRNSGSEVQVVLTRTYSLGKIKNNKGEDLQMLDIHGVEKSWVEEIDKEARKTMATLLKESSGNIPQNQRPSAPDTPII
LLCVGALIFTKLASTIEVGLETTVRRANRVLSDALKRYPRMDIPKIARSFYDLFEQKVYHRSLFIEYGKALGSSSTGSKA
ESLFVNIFMQAYGAGQTMLRWGVIARSSNNIMLGHVSVQAELKQVTEVYDLVREMGPESGLLHLRQSPKAGLLSLANCPN
FASVVLGNASGLGIIGMYRGRVPNTELFSAAESYAKSLKESNKINFSSLGLTDEEKEAAEHFLNVSDDSQNDYE
;
A
2 'polypeptide(L)' DIYQLIM B
3 'polyribonucleotide' CCCCCCC E
#
# COMPACT_ATOMS: atom_id res chain seq x y z
N MET A 1 -27.46 -32.93 -31.78
CA MET A 1 -27.51 -34.13 -30.95
C MET A 1 -26.81 -33.88 -29.62
N SER A 2 -25.58 -33.38 -29.67
CA SER A 2 -24.78 -33.13 -28.48
C SER A 2 -24.72 -31.63 -28.22
N LEU A 3 -24.77 -31.27 -26.94
CA LEU A 3 -24.74 -29.86 -26.54
C LEU A 3 -23.32 -29.38 -26.30
N GLN A 4 -22.46 -29.57 -27.30
CA GLN A 4 -21.08 -29.10 -27.25
C GLN A 4 -20.91 -27.74 -27.91
N GLY A 5 -21.79 -27.38 -28.83
CA GLY A 5 -21.79 -26.05 -29.43
C GLY A 5 -22.51 -25.00 -28.63
N ILE A 6 -23.25 -25.40 -27.60
CA ILE A 6 -23.90 -24.47 -26.69
C ILE A 6 -22.82 -23.98 -25.71
N HIS A 7 -22.26 -22.82 -26.00
CA HIS A 7 -21.09 -22.33 -25.28
C HIS A 7 -20.94 -20.84 -25.59
N LEU A 8 -20.66 -20.05 -24.56
CA LEU A 8 -20.70 -18.60 -24.69
C LEU A 8 -19.35 -17.93 -24.49
N SER A 9 -18.64 -18.22 -23.39
CA SER A 9 -17.35 -17.61 -23.10
C SER A 9 -17.46 -16.10 -22.95
N ASP A 10 -18.33 -15.68 -22.02
CA ASP A 10 -18.59 -14.26 -21.81
C ASP A 10 -17.37 -13.54 -21.25
N LEU A 11 -16.67 -14.14 -20.30
CA LEU A 11 -15.60 -13.43 -19.60
C LEU A 11 -14.41 -13.16 -20.51
N SER A 12 -14.05 -14.13 -21.35
CA SER A 12 -12.98 -13.90 -22.30
C SER A 12 -13.34 -12.77 -23.26
N TYR A 13 -14.60 -12.73 -23.69
CA TYR A 13 -15.05 -11.66 -24.58
C TYR A 13 -14.98 -10.31 -23.88
N LYS A 14 -15.39 -10.24 -22.61
CA LYS A 14 -15.32 -8.98 -21.87
C LYS A 14 -13.88 -8.52 -21.71
N HIS A 15 -12.97 -9.44 -21.36
CA HIS A 15 -11.57 -9.06 -21.25
C HIS A 15 -11.03 -8.59 -22.59
N ALA A 16 -11.40 -9.26 -23.68
CA ALA A 16 -10.94 -8.85 -25.00
C ALA A 16 -11.46 -7.45 -25.34
N ILE A 17 -12.72 -7.18 -25.01
CA ILE A 17 -13.28 -5.86 -25.24
C ILE A 17 -12.49 -4.80 -24.47
N LEU A 18 -12.16 -5.09 -23.21
CA LEU A 18 -11.50 -4.07 -22.39
C LEU A 18 -10.05 -3.86 -22.81
N LYS A 19 -9.30 -4.93 -23.05
CA LYS A 19 -7.88 -4.76 -23.34
C LYS A 19 -7.64 -4.26 -24.75
N GLU A 20 -8.39 -4.77 -25.73
CA GLU A 20 -8.16 -4.42 -27.13
C GLU A 20 -8.90 -3.13 -27.48
N SER A 21 -8.37 -2.03 -26.97
CA SER A 21 -8.88 -0.70 -27.26
C SER A 21 -7.75 0.18 -27.76
N GLN A 22 -8.07 1.01 -28.75
CA GLN A 22 -7.10 1.90 -29.37
C GLN A 22 -7.22 3.34 -28.88
N TYR A 23 -8.05 3.58 -27.86
CA TYR A 23 -8.23 4.91 -27.30
C TYR A 23 -7.75 4.90 -25.85
N THR A 24 -7.13 6.00 -25.43
CA THR A 24 -6.62 6.15 -24.08
C THR A 24 -7.33 7.28 -23.37
N ILE A 25 -7.77 7.03 -22.15
CA ILE A 25 -8.46 8.03 -21.36
C ILE A 25 -7.46 9.06 -20.87
N LYS A 26 -7.78 10.34 -21.09
CA LYS A 26 -6.96 11.45 -20.62
C LYS A 26 -7.67 12.08 -19.43
N ARG A 27 -7.27 11.69 -18.23
CA ARG A 27 -7.83 12.25 -17.01
C ARG A 27 -6.79 13.14 -16.33
N ASP A 28 -7.26 13.97 -15.41
CA ASP A 28 -6.39 14.90 -14.67
C ASP A 28 -5.62 15.80 -15.61
N VAL A 29 -6.31 16.35 -16.61
CA VAL A 29 -5.63 17.14 -17.64
C VAL A 29 -5.14 18.46 -17.08
N GLY A 30 -5.92 19.08 -16.19
CA GLY A 30 -5.59 20.39 -15.67
C GLY A 30 -4.82 20.41 -14.36
N THR A 31 -4.55 19.25 -13.77
CA THR A 31 -3.97 19.18 -12.43
C THR A 31 -2.45 19.09 -12.49
N THR A 32 -1.82 19.33 -11.35
CA THR A 32 -0.38 19.27 -11.20
C THR A 32 -0.03 18.58 -9.90
N THR A 33 1.16 17.97 -9.85
CA THR A 33 1.65 17.30 -8.67
C THR A 33 3.11 17.68 -8.47
N ALA A 34 3.65 17.33 -7.31
CA ALA A 34 4.99 17.74 -6.90
C ALA A 34 5.94 16.55 -6.90
N VAL A 35 7.14 16.77 -7.43
CA VAL A 35 8.22 15.80 -7.35
C VAL A 35 9.47 16.51 -6.85
N THR A 36 10.40 15.72 -6.30
CA THR A 36 11.66 16.21 -5.78
C THR A 36 12.80 15.56 -6.55
N PRO A 37 13.74 16.34 -7.08
CA PRO A 37 14.86 15.74 -7.82
C PRO A 37 15.75 14.92 -6.90
N SER A 38 16.40 13.91 -7.48
CA SER A 38 17.20 12.99 -6.69
C SER A 38 18.34 13.69 -5.98
N SER A 39 18.82 14.82 -6.53
CA SER A 39 19.96 15.52 -5.94
C SER A 39 19.60 16.14 -4.60
N LEU A 40 18.31 16.17 -4.26
CA LEU A 40 17.86 16.67 -2.97
C LEU A 40 17.57 15.55 -1.97
N GLN A 41 17.93 14.31 -2.30
CA GLN A 41 17.56 13.17 -1.47
C GLN A 41 17.93 13.38 -0.01
N GLN A 42 19.17 13.79 0.25
CA GLN A 42 19.59 14.03 1.63
C GLN A 42 18.65 14.98 2.34
N GLU A 43 18.38 16.13 1.73
CA GLU A 43 17.56 17.12 2.42
C GLU A 43 16.09 16.76 2.45
N ILE A 44 15.66 15.69 1.77
CA ILE A 44 14.32 15.19 2.05
C ILE A 44 14.37 14.18 3.19
N THR A 45 15.44 13.39 3.27
CA THR A 45 15.55 12.39 4.32
C THR A 45 15.48 13.05 5.69
N LEU A 46 16.23 14.14 5.87
CA LEU A 46 16.17 14.91 7.10
C LEU A 46 14.74 15.25 7.45
N LEU A 47 13.97 15.76 6.49
CA LEU A 47 12.59 16.14 6.79
C LEU A 47 11.78 14.88 7.10
N CYS A 48 12.03 13.78 6.39
CA CYS A 48 11.36 12.53 6.69
C CYS A 48 11.64 12.09 8.11
N GLY A 49 12.77 12.50 8.67
CA GLY A 49 13.06 12.20 10.05
C GLY A 49 12.42 13.16 11.03
N GLU A 50 12.22 14.41 10.62
CA GLU A 50 11.69 15.41 11.54
C GLU A 50 10.20 15.22 11.79
N ILE A 51 9.48 14.56 10.88
CA ILE A 51 8.11 14.19 11.16
C ILE A 51 8.05 13.08 12.19
N LEU A 52 9.13 12.32 12.35
CA LEU A 52 9.10 11.12 13.18
C LEU A 52 9.28 11.42 14.68
N TYR A 53 10.42 11.97 15.08
CA TYR A 53 10.79 11.93 16.49
C TYR A 53 10.14 13.05 17.30
N ALA A 54 9.16 13.74 16.75
CA ALA A 54 8.55 14.88 17.42
C ALA A 54 7.03 14.76 17.38
N LYS A 55 6.39 15.38 18.37
CA LYS A 55 4.93 15.42 18.44
C LYS A 55 4.48 16.69 17.73
N HIS A 56 3.81 16.52 16.59
CA HIS A 56 3.44 17.63 15.73
C HIS A 56 1.96 17.93 15.83
N ALA A 57 1.61 19.20 15.63
CA ALA A 57 0.22 19.62 15.71
C ALA A 57 -0.62 18.99 14.60
N ASP A 58 -0.07 18.92 13.39
CA ASP A 58 -0.82 18.46 12.24
C ASP A 58 0.08 17.64 11.34
N TYR A 59 -0.39 16.46 10.93
CA TYR A 59 0.35 15.53 10.10
C TYR A 59 -0.25 15.44 8.70
N LYS A 60 -0.66 16.59 8.15
CA LYS A 60 -1.46 16.59 6.93
C LYS A 60 -0.68 16.04 5.74
N TYR A 61 0.61 16.38 5.62
CA TYR A 61 1.36 16.10 4.41
C TYR A 61 2.54 15.15 4.66
N ALA A 62 2.42 14.26 5.65
CA ALA A 62 3.46 13.25 5.83
C ALA A 62 3.51 12.30 4.64
N ALA A 63 2.36 11.91 4.11
CA ALA A 63 2.31 11.03 2.95
C ALA A 63 2.98 11.69 1.75
N GLU A 64 2.76 12.99 1.57
CA GLU A 64 3.42 13.68 0.48
C GLU A 64 4.93 13.70 0.66
N ILE A 65 5.41 13.72 1.90
CA ILE A 65 6.86 13.68 2.13
C ILE A 65 7.40 12.30 1.79
N GLY A 66 6.69 11.24 2.17
CA GLY A 66 7.10 9.90 1.77
C GLY A 66 7.14 9.75 0.26
N ILE A 67 6.14 10.32 -0.42
CA ILE A 67 6.13 10.24 -1.88
C ILE A 67 7.24 11.09 -2.48
N GLN A 68 7.61 12.19 -1.82
CA GLN A 68 8.75 12.98 -2.29
C GLN A 68 10.04 12.16 -2.19
N TYR A 69 10.22 11.42 -1.10
CA TYR A 69 11.38 10.56 -1.01
C TYR A 69 11.34 9.49 -2.09
N ILE A 70 10.17 8.93 -2.38
CA ILE A 70 10.05 7.97 -3.48
C ILE A 70 10.49 8.61 -4.78
N SER A 71 10.11 9.88 -4.99
CA SER A 71 10.53 10.60 -6.18
C SER A 71 12.05 10.73 -6.25
N THR A 72 12.68 11.06 -5.12
CA THR A 72 14.15 11.16 -5.12
C THR A 72 14.79 9.81 -5.40
N ALA A 73 14.22 8.73 -4.86
CA ALA A 73 14.77 7.40 -5.10
C ALA A 73 14.66 7.00 -6.56
N LEU A 74 13.52 7.29 -7.20
CA LEU A 74 13.35 6.93 -8.60
C LEU A 74 13.89 7.98 -9.57
N GLY A 75 13.76 9.25 -9.23
CA GLY A 75 14.15 10.32 -10.13
C GLY A 75 12.95 11.06 -10.67
N SER A 76 13.17 12.31 -11.07
CA SER A 76 12.07 13.15 -11.52
C SER A 76 11.47 12.65 -12.82
N GLU A 77 12.31 12.36 -13.81
CA GLU A 77 11.80 11.95 -15.12
C GLU A 77 11.15 10.57 -15.04
N ARG A 78 11.72 9.66 -14.25
CA ARG A 78 11.12 8.36 -14.06
C ARG A 78 9.75 8.48 -13.40
N VAL A 79 9.62 9.37 -12.42
CA VAL A 79 8.33 9.57 -11.77
C VAL A 79 7.32 10.15 -12.74
N GLN A 80 7.76 11.11 -13.57
CA GLN A 80 6.85 11.68 -14.57
C GLN A 80 6.37 10.61 -15.54
N GLN A 81 7.28 9.75 -16.00
CA GLN A 81 6.88 8.67 -16.90
C GLN A 81 5.94 7.69 -16.22
N ILE A 82 6.16 7.44 -14.93
CA ILE A 82 5.29 6.53 -14.18
C ILE A 82 3.89 7.10 -14.10
N LEU A 83 3.78 8.40 -13.78
CA LEU A 83 2.48 9.03 -13.69
C LEU A 83 1.79 9.06 -15.05
N ARG A 84 2.55 9.33 -16.12
CA ARG A 84 1.96 9.36 -17.45
C ARG A 84 1.47 7.98 -17.87
N ASN A 85 2.21 6.93 -17.54
CA ASN A 85 1.83 5.59 -17.97
C ASN A 85 0.67 5.02 -17.16
N SER A 86 0.33 5.62 -16.03
CA SER A 86 -0.80 5.16 -15.24
C SER A 86 -2.13 5.65 -15.77
N GLY A 87 -2.12 6.54 -16.76
CA GLY A 87 -3.36 7.07 -17.31
C GLY A 87 -3.70 8.47 -16.86
N SER A 88 -2.74 9.21 -16.31
CA SER A 88 -2.99 10.56 -15.81
C SER A 88 -2.20 11.58 -16.61
N GLU A 89 -2.84 12.71 -16.90
CA GLU A 89 -2.19 13.84 -17.56
C GLU A 89 -1.70 14.87 -16.55
N VAL A 90 -1.33 14.42 -15.35
CA VAL A 90 -0.85 15.33 -14.32
C VAL A 90 0.57 15.75 -14.65
N GLN A 91 0.86 17.04 -14.43
CA GLN A 91 2.16 17.61 -14.76
C GLN A 91 2.95 17.82 -13.47
N VAL A 92 4.12 17.19 -13.38
CA VAL A 92 4.91 17.22 -12.16
C VAL A 92 5.56 18.60 -12.01
N VAL A 93 5.58 19.08 -10.78
CA VAL A 93 6.21 20.35 -10.43
C VAL A 93 7.43 20.06 -9.57
N LEU A 94 8.57 20.64 -9.96
CA LEU A 94 9.85 20.31 -9.34
C LEU A 94 10.01 21.01 -8.00
N THR A 95 10.38 20.23 -6.98
CA THR A 95 10.71 20.79 -5.68
C THR A 95 11.93 21.68 -5.79
N ARG A 96 11.91 22.82 -5.10
CA ARG A 96 13.02 23.76 -5.17
C ARG A 96 13.53 24.06 -3.77
N THR A 97 14.85 24.03 -3.59
CA THR A 97 15.44 24.47 -2.34
C THR A 97 15.49 26.00 -2.32
N TYR A 98 15.17 26.58 -1.17
CA TYR A 98 15.11 28.03 -1.05
C TYR A 98 15.68 28.46 0.30
N SER A 99 16.43 29.56 0.29
CA SER A 99 16.95 30.11 1.53
C SER A 99 15.81 30.58 2.41
N LEU A 100 15.84 30.20 3.69
CA LEU A 100 14.77 30.59 4.60
C LEU A 100 14.73 32.10 4.77
N GLY A 101 15.89 32.74 4.88
CA GLY A 101 15.96 34.17 5.09
C GLY A 101 17.16 34.55 5.94
N LYS A 102 16.91 35.28 7.04
CA LYS A 102 17.98 35.68 7.93
C LYS A 102 18.48 34.54 8.82
N ILE A 103 17.77 33.41 8.83
CA ILE A 103 18.20 32.29 9.66
C ILE A 103 19.50 31.70 9.11
N LYS A 104 20.46 31.50 10.01
CA LYS A 104 21.78 30.99 9.67
C LYS A 104 22.05 29.72 10.47
N ASN A 105 22.63 28.71 9.81
CA ASN A 105 22.85 27.42 10.45
C ASN A 105 24.27 27.33 11.01
N ASN A 106 24.62 26.14 11.50
CA ASN A 106 25.95 25.92 12.08
C ASN A 106 27.04 26.03 11.04
N LYS A 107 26.80 25.54 9.82
CA LYS A 107 27.82 25.53 8.78
C LYS A 107 28.10 26.90 8.21
N GLY A 108 27.44 27.95 8.69
CA GLY A 108 27.70 29.30 8.25
C GLY A 108 26.90 29.73 7.04
N GLU A 109 26.24 28.80 6.35
CA GLU A 109 25.47 29.12 5.17
C GLU A 109 24.03 29.44 5.55
N ASP A 110 23.28 30.01 4.61
CA ASP A 110 21.86 30.22 4.82
C ASP A 110 21.14 28.88 4.85
N LEU A 111 20.21 28.73 5.78
CA LEU A 111 19.50 27.48 5.94
C LEU A 111 18.56 27.26 4.76
N GLN A 112 18.81 26.20 3.99
CA GLN A 112 18.05 25.92 2.79
C GLN A 112 16.88 24.99 3.13
N MET A 113 15.66 25.52 3.03
CA MET A 113 14.45 24.76 3.24
C MET A 113 13.91 24.24 1.90
N LEU A 114 12.83 23.48 1.99
CA LEU A 114 12.24 22.83 0.84
C LEU A 114 10.99 23.57 0.38
N ASP A 115 10.78 23.60 -0.93
CA ASP A 115 9.61 24.20 -1.55
C ASP A 115 8.95 23.10 -2.38
N ILE A 116 7.89 22.51 -1.85
CA ILE A 116 7.19 21.38 -2.47
C ILE A 116 5.84 21.89 -2.91
N HIS A 117 5.54 21.76 -4.20
CA HIS A 117 4.30 22.28 -4.75
C HIS A 117 3.10 21.57 -4.14
N GLY A 118 2.13 22.35 -3.67
CA GLY A 118 0.94 21.81 -3.05
C GLY A 118 1.03 21.63 -1.56
N VAL A 119 2.24 21.57 -1.01
CA VAL A 119 2.46 21.54 0.44
C VAL A 119 3.04 22.90 0.80
N GLU A 120 2.25 23.71 1.51
CA GLU A 120 2.67 25.08 1.78
C GLU A 120 3.89 25.10 2.69
N LYS A 121 4.68 26.16 2.56
CA LYS A 121 5.90 26.28 3.34
C LYS A 121 5.62 26.27 4.83
N SER A 122 4.59 27.02 5.27
CA SER A 122 4.36 27.23 6.70
C SER A 122 4.31 25.91 7.45
N TRP A 123 3.68 24.88 6.85
CA TRP A 123 3.67 23.57 7.48
C TRP A 123 5.09 23.02 7.61
N VAL A 124 5.92 23.24 6.59
CA VAL A 124 7.29 22.72 6.64
C VAL A 124 8.09 23.39 7.75
N GLU A 125 8.03 24.72 7.84
CA GLU A 125 8.75 25.37 8.93
C GLU A 125 8.17 25.00 10.29
N GLU A 126 6.85 24.76 10.36
CA GLU A 126 6.28 24.35 11.64
C GLU A 126 6.81 22.99 12.07
N ILE A 127 6.85 22.02 11.16
CA ILE A 127 7.39 20.70 11.47
C ILE A 127 8.85 20.82 11.88
N ASP A 128 9.62 21.59 11.11
CA ASP A 128 11.04 21.74 11.42
C ASP A 128 11.25 22.39 12.78
N LYS A 129 10.47 23.43 13.09
CA LYS A 129 10.60 24.11 14.36
C LYS A 129 10.25 23.19 15.53
N GLU A 130 9.17 22.42 15.39
CA GLU A 130 8.80 21.51 16.46
C GLU A 130 9.88 20.44 16.67
N ALA A 131 10.42 19.90 15.58
CA ALA A 131 11.47 18.91 15.71
C ALA A 131 12.72 19.49 16.36
N ARG A 132 13.10 20.72 15.96
CA ARG A 132 14.27 21.36 16.56
C ARG A 132 14.06 21.61 18.06
N LYS A 133 12.88 22.08 18.44
CA LYS A 133 12.60 22.30 19.85
C LYS A 133 12.65 21.00 20.63
N THR A 134 12.07 19.93 20.09
CA THR A 134 12.11 18.65 20.79
C THR A 134 13.54 18.14 20.93
N MET A 135 14.35 18.25 19.88
CA MET A 135 15.71 17.76 19.96
C MET A 135 16.53 18.58 20.95
N ALA A 136 16.35 19.90 20.94
CA ALA A 136 17.02 20.74 21.92
C ALA A 136 16.61 20.35 23.34
N THR A 137 15.32 20.07 23.54
CA THR A 137 14.85 19.67 24.87
C THR A 137 15.50 18.35 25.30
N LEU A 138 15.59 17.38 24.40
CA LEU A 138 16.22 16.11 24.75
C LEU A 138 17.70 16.26 25.04
N LEU A 139 18.42 17.07 24.26
CA LEU A 139 19.82 17.31 24.57
C LEU A 139 19.99 18.03 25.90
N LYS A 140 19.11 18.98 26.21
CA LYS A 140 19.17 19.66 27.50
C LYS A 140 18.93 18.68 28.65
N GLU A 141 17.95 17.78 28.49
CA GLU A 141 17.61 16.84 29.56
C GLU A 141 18.78 15.90 29.85
N SER A 142 19.33 15.27 28.82
CA SER A 142 20.41 14.30 29.00
C SER A 142 21.32 14.33 27.79
N SER A 143 22.60 14.02 28.02
CA SER A 143 23.58 13.98 26.94
C SER A 143 24.66 12.93 27.24
N ILE A 146 22.24 10.68 22.48
CA ILE A 146 21.74 10.87 21.13
C ILE A 146 22.69 10.24 20.13
N PRO A 147 22.47 8.97 19.81
CA PRO A 147 23.31 8.30 18.81
C PRO A 147 23.00 8.76 17.40
N GLN A 148 23.65 8.17 16.40
CA GLN A 148 23.38 8.55 15.02
C GLN A 148 22.01 8.05 14.58
N ASN A 149 21.58 6.89 15.08
CA ASN A 149 20.33 6.30 14.63
C ASN A 149 19.11 6.85 15.35
N GLN A 150 19.28 7.82 16.25
CA GLN A 150 18.17 8.51 16.88
C GLN A 150 18.06 9.96 16.43
N ARG A 151 18.64 10.28 15.27
CA ARG A 151 18.64 11.61 14.70
C ARG A 151 17.80 11.65 13.43
N PRO A 152 17.25 12.82 13.06
CA PRO A 152 16.49 12.92 11.81
C PRO A 152 17.34 12.68 10.57
N SER A 153 18.66 12.78 10.67
CA SER A 153 19.52 12.57 9.51
C SER A 153 19.75 11.09 9.23
N ALA A 154 19.21 10.20 10.05
CA ALA A 154 19.41 8.79 9.84
C ALA A 154 18.81 8.37 8.51
N PRO A 155 19.50 7.54 7.72
CA PRO A 155 19.04 7.26 6.36
C PRO A 155 17.84 6.34 6.28
N ASP A 156 17.38 5.75 7.39
CA ASP A 156 16.26 4.84 7.37
C ASP A 156 14.95 5.47 7.82
N THR A 157 14.95 6.76 8.15
CA THR A 157 13.69 7.41 8.49
C THR A 157 12.70 7.49 7.32
N PRO A 158 13.10 7.85 6.08
CA PRO A 158 12.12 7.82 4.99
C PRO A 158 11.51 6.46 4.79
N ILE A 159 12.30 5.40 5.01
CA ILE A 159 11.78 4.06 4.79
C ILE A 159 10.84 3.67 5.91
N ILE A 160 11.02 4.21 7.11
CA ILE A 160 10.05 3.96 8.18
C ILE A 160 8.74 4.67 7.88
N LEU A 161 8.81 5.91 7.40
CA LEU A 161 7.60 6.61 7.00
C LEU A 161 6.89 5.84 5.88
N LEU A 162 7.65 5.35 4.91
CA LEU A 162 7.04 4.55 3.85
C LEU A 162 6.63 3.17 4.32
N CYS A 163 7.14 2.70 5.47
CA CYS A 163 6.64 1.45 6.03
C CYS A 163 5.28 1.64 6.65
N VAL A 164 5.04 2.78 7.30
CA VAL A 164 3.68 3.10 7.71
C VAL A 164 2.78 3.25 6.48
N GLY A 165 3.29 3.92 5.45
CA GLY A 165 2.55 4.05 4.21
C GLY A 165 2.20 2.71 3.59
N ALA A 166 3.14 1.77 3.62
CA ALA A 166 2.88 0.45 3.05
C ALA A 166 1.92 -0.35 3.92
N LEU A 167 1.95 -0.15 5.23
CA LEU A 167 0.97 -0.82 6.09
C LEU A 167 -0.44 -0.35 5.76
N ILE A 168 -0.62 0.96 5.52
CA ILE A 168 -1.95 1.41 5.09
C ILE A 168 -2.23 0.95 3.67
N PHE A 169 -1.20 0.84 2.83
CA PHE A 169 -1.36 0.40 1.45
C PHE A 169 -1.89 -1.04 1.40
N THR A 170 -1.51 -1.86 2.36
CA THR A 170 -1.97 -3.25 2.38
C THR A 170 -3.49 -3.35 2.47
N LYS A 171 -4.13 -2.41 3.16
CA LYS A 171 -5.58 -2.44 3.40
C LYS A 171 -6.29 -1.36 2.60
N LEU A 172 -5.84 -1.14 1.36
CA LEU A 172 -6.49 -0.15 0.51
C LEU A 172 -7.81 -0.64 -0.06
N ALA A 173 -8.02 -1.95 -0.12
CA ALA A 173 -9.31 -2.52 -0.46
C ALA A 173 -10.22 -2.67 0.75
N SER A 174 -9.92 -1.99 1.85
CA SER A 174 -10.67 -2.11 3.08
C SER A 174 -11.25 -0.75 3.48
N THR A 175 -11.88 -0.70 4.64
CA THR A 175 -12.50 0.50 5.15
C THR A 175 -11.47 1.30 5.96
N ILE A 176 -11.66 2.63 5.97
CA ILE A 176 -10.66 3.52 6.58
C ILE A 176 -10.45 3.19 8.05
N GLU A 177 -11.51 2.87 8.78
CA GLU A 177 -11.36 2.56 10.20
C GLU A 177 -10.59 1.26 10.38
N VAL A 178 -10.95 0.23 9.61
CA VAL A 178 -10.22 -1.04 9.68
C VAL A 178 -8.78 -0.85 9.22
N GLY A 179 -8.59 -0.01 8.20
CA GLY A 179 -7.24 0.26 7.74
C GLY A 179 -6.37 0.88 8.81
N LEU A 180 -6.90 1.91 9.49
CA LEU A 180 -6.14 2.57 10.54
C LEU A 180 -5.89 1.62 11.70
N GLU A 181 -6.90 0.85 12.09
CA GLU A 181 -6.74 -0.08 13.20
C GLU A 181 -5.66 -1.12 12.91
N THR A 182 -5.71 -1.73 11.72
CA THR A 182 -4.71 -2.74 11.37
C THR A 182 -3.33 -2.12 11.22
N THR A 183 -3.25 -0.92 10.67
CA THR A 183 -1.95 -0.27 10.52
C THR A 183 -1.31 -0.01 11.87
N VAL A 184 -2.06 0.56 12.82
CA VAL A 184 -1.51 0.84 14.13
C VAL A 184 -1.14 -0.46 14.85
N ARG A 185 -2.03 -1.45 14.80
CA ARG A 185 -1.84 -2.66 15.58
C ARG A 185 -0.74 -3.54 14.99
N ARG A 186 -0.42 -3.37 13.70
CA ARG A 186 0.72 -4.06 13.14
C ARG A 186 2.01 -3.28 13.31
N ALA A 187 1.96 -1.94 13.16
CA ALA A 187 3.16 -1.13 13.33
C ALA A 187 3.64 -1.10 14.77
N ASN A 188 2.78 -1.47 15.72
CA ASN A 188 3.28 -1.62 17.09
C ASN A 188 4.18 -2.84 17.24
N ARG A 189 4.16 -3.74 16.26
CA ARG A 189 5.04 -4.90 16.23
C ARG A 189 6.04 -4.85 15.09
N VAL A 190 5.57 -4.50 13.89
CA VAL A 190 6.44 -4.45 12.72
C VAL A 190 7.48 -3.35 12.89
N LEU A 191 7.05 -2.15 13.23
CA LEU A 191 7.96 -1.03 13.46
C LEU A 191 8.30 -0.90 14.94
N SER A 192 8.73 -1.98 15.57
CA SER A 192 9.09 -1.92 16.98
C SER A 192 10.43 -1.23 17.19
N ASP A 193 11.40 -1.52 16.33
CA ASP A 193 12.72 -0.90 16.45
C ASP A 193 12.62 0.61 16.27
N ALA A 194 11.88 1.06 15.26
CA ALA A 194 11.73 2.49 15.03
C ALA A 194 10.93 3.16 16.15
N LEU A 195 10.02 2.40 16.78
CA LEU A 195 9.28 2.96 17.90
C LEU A 195 10.15 3.04 19.15
N LYS A 196 11.17 2.19 19.25
CA LYS A 196 12.17 2.37 20.30
C LYS A 196 13.06 3.57 20.01
N ARG A 197 13.54 3.68 18.77
CA ARG A 197 14.40 4.82 18.41
C ARG A 197 13.63 6.13 18.45
N TYR A 198 12.40 6.14 17.92
CA TYR A 198 11.55 7.33 17.89
C TYR A 198 10.28 7.01 18.66
N PRO A 199 10.25 7.28 19.97
CA PRO A 199 9.13 6.84 20.80
C PRO A 199 7.88 7.69 20.66
N ARG A 200 7.93 8.83 19.97
CA ARG A 200 6.78 9.72 19.90
C ARG A 200 6.36 9.98 18.45
N MET A 201 6.67 9.05 17.55
CA MET A 201 6.15 9.15 16.19
C MET A 201 4.69 8.71 16.19
N ASP A 202 3.85 9.47 15.49
CA ASP A 202 2.40 9.32 15.60
C ASP A 202 1.91 8.43 14.46
N ILE A 203 1.79 7.14 14.75
CA ILE A 203 1.34 6.18 13.73
C ILE A 203 -0.08 6.46 13.26
N PRO A 204 -1.07 6.72 14.13
CA PRO A 204 -2.43 6.95 13.60
C PRO A 204 -2.53 8.09 12.61
N LYS A 205 -1.90 9.24 12.90
CA LYS A 205 -2.03 10.38 12.01
C LYS A 205 -1.25 10.19 10.72
N ILE A 206 -0.08 9.55 10.79
CA ILE A 206 0.68 9.25 9.56
C ILE A 206 -0.11 8.28 8.68
N ALA A 207 -0.72 7.27 9.29
CA ALA A 207 -1.52 6.33 8.52
C ALA A 207 -2.74 7.02 7.90
N ARG A 208 -3.36 7.93 8.65
CA ARG A 208 -4.49 8.69 8.10
C ARG A 208 -4.06 9.54 6.92
N SER A 209 -2.90 10.21 7.04
CA SER A 209 -2.38 11.00 5.94
C SER A 209 -2.12 10.14 4.72
N PHE A 210 -1.53 8.97 4.91
CA PHE A 210 -1.25 8.09 3.78
C PHE A 210 -2.52 7.58 3.14
N TYR A 211 -3.53 7.23 3.94
CA TYR A 211 -4.79 6.79 3.38
C TYR A 211 -5.45 7.90 2.57
N ASP A 212 -5.44 9.13 3.10
CA ASP A 212 -6.02 10.24 2.36
C ASP A 212 -5.29 10.45 1.04
N LEU A 213 -3.96 10.42 1.06
CA LEU A 213 -3.20 10.63 -0.17
C LEU A 213 -3.50 9.53 -1.19
N PHE A 214 -3.50 8.27 -0.76
CA PHE A 214 -3.77 7.17 -1.67
C PHE A 214 -5.18 7.23 -2.23
N GLU A 215 -6.15 7.71 -1.44
CA GLU A 215 -7.52 7.85 -1.93
C GLU A 215 -7.62 8.97 -2.97
N GLN A 216 -7.04 10.13 -2.69
CA GLN A 216 -7.20 11.25 -3.61
C GLN A 216 -6.35 11.07 -4.86
N LYS A 217 -5.03 11.00 -4.72
CA LYS A 217 -4.10 10.93 -5.84
C LYS A 217 -3.89 9.47 -6.21
N VAL A 218 -4.73 8.96 -7.10
CA VAL A 218 -4.72 7.53 -7.40
C VAL A 218 -3.50 7.16 -8.24
N TYR A 219 -2.82 8.13 -8.84
CA TYR A 219 -1.58 7.83 -9.54
C TYR A 219 -0.44 7.56 -8.58
N HIS A 220 -0.56 8.02 -7.33
CA HIS A 220 0.48 7.75 -6.36
C HIS A 220 0.46 6.31 -5.91
N ARG A 221 -0.65 5.60 -6.10
CA ARG A 221 -0.64 4.15 -5.92
C ARG A 221 0.28 3.48 -6.94
N SER A 222 0.22 3.92 -8.19
CA SER A 222 1.12 3.39 -9.21
C SER A 222 2.56 3.78 -8.92
N LEU A 223 2.79 5.00 -8.45
CA LEU A 223 4.14 5.40 -8.06
C LEU A 223 4.66 4.54 -6.91
N PHE A 224 3.81 4.26 -5.92
CA PHE A 224 4.18 3.39 -4.81
C PHE A 224 4.54 2.00 -5.30
N ILE A 225 3.76 1.47 -6.24
CA ILE A 225 4.04 0.12 -6.75
C ILE A 225 5.34 0.10 -7.55
N GLU A 226 5.60 1.15 -8.32
CA GLU A 226 6.87 1.23 -9.05
C GLU A 226 8.04 1.33 -8.10
N TYR A 227 7.89 2.08 -7.01
CA TYR A 227 8.95 2.15 -6.01
C TYR A 227 9.18 0.80 -5.34
N GLY A 228 8.11 0.07 -5.05
CA GLY A 228 8.27 -1.26 -4.49
C GLY A 228 8.97 -2.20 -5.43
N LYS A 229 8.67 -2.10 -6.72
CA LYS A 229 9.35 -2.92 -7.72
C LYS A 229 10.82 -2.54 -7.84
N ALA A 230 11.13 -1.25 -7.79
CA ALA A 230 12.52 -0.80 -7.86
C ALA A 230 13.30 -1.23 -6.63
N LEU A 231 12.70 -1.16 -5.45
CA LEU A 231 13.35 -1.58 -4.22
C LEU A 231 13.58 -3.08 -4.20
N GLY A 232 12.58 -3.86 -4.58
CA GLY A 232 12.71 -5.31 -4.54
C GLY A 232 13.68 -5.88 -5.53
N SER A 233 14.03 -5.11 -6.57
CA SER A 233 14.98 -5.54 -7.58
C SER A 233 16.41 -5.12 -7.27
N SER A 234 16.62 -4.41 -6.17
CA SER A 234 17.96 -4.02 -5.77
C SER A 234 18.75 -5.23 -5.29
N SER A 235 20.08 -5.09 -5.31
CA SER A 235 20.94 -6.16 -4.82
C SER A 235 21.17 -6.04 -3.33
N THR A 236 21.31 -4.82 -2.82
CA THR A 236 21.49 -4.57 -1.39
C THR A 236 20.36 -3.68 -0.88
N GLY A 237 20.43 -3.35 0.40
CA GLY A 237 19.45 -2.48 1.02
C GLY A 237 19.69 -2.43 2.50
N SER A 238 18.87 -1.62 3.17
CA SER A 238 18.89 -1.58 4.62
C SER A 238 17.91 -2.60 5.17
N LYS A 239 17.75 -2.61 6.49
CA LYS A 239 16.77 -3.50 7.11
C LYS A 239 15.36 -2.97 6.90
N ALA A 240 15.19 -1.65 7.02
CA ALA A 240 13.88 -1.05 6.82
C ALA A 240 13.42 -1.21 5.38
N GLU A 241 14.35 -1.21 4.43
CA GLU A 241 13.97 -1.39 3.02
C GLU A 241 13.44 -2.79 2.78
N SER A 242 14.06 -3.80 3.39
CA SER A 242 13.54 -5.16 3.27
C SER A 242 12.21 -5.29 4.01
N LEU A 243 12.04 -4.57 5.12
CA LEU A 243 10.74 -4.55 5.78
C LEU A 243 9.68 -3.95 4.87
N PHE A 244 10.01 -2.86 4.18
CA PHE A 244 9.06 -2.23 3.26
C PHE A 244 8.69 -3.18 2.14
N VAL A 245 9.67 -3.89 1.58
CA VAL A 245 9.34 -4.82 0.51
C VAL A 245 8.52 -5.98 1.04
N ASN A 246 8.72 -6.37 2.30
CA ASN A 246 7.90 -7.42 2.88
C ASN A 246 6.45 -6.98 3.01
N ILE A 247 6.23 -5.77 3.54
CA ILE A 247 4.88 -5.24 3.65
C ILE A 247 4.25 -5.06 2.28
N PHE A 248 5.03 -4.57 1.32
CA PHE A 248 4.54 -4.38 -0.04
C PHE A 248 4.10 -5.69 -0.67
N MET A 249 4.89 -6.75 -0.51
CA MET A 249 4.49 -8.04 -1.07
C MET A 249 3.42 -8.71 -0.21
N GLN A 250 3.15 -8.19 0.98
CA GLN A 250 2.00 -8.65 1.75
C GLN A 250 0.72 -7.95 1.33
N ALA A 251 0.79 -7.10 0.31
CA ALA A 251 -0.36 -6.44 -0.28
C ALA A 251 -0.68 -6.94 -1.66
N TYR A 252 -0.02 -8.01 -2.12
CA TYR A 252 -0.09 -8.40 -3.52
C TYR A 252 -1.51 -8.76 -3.93
N GLY A 253 -2.09 -9.79 -3.32
CA GLY A 253 -3.42 -10.19 -3.69
C GLY A 253 -4.51 -9.39 -2.99
N ALA A 254 -4.31 -8.09 -2.86
CA ALA A 254 -5.29 -7.26 -2.15
C ALA A 254 -6.53 -7.10 -3.00
N GLY A 255 -7.69 -7.22 -2.34
CA GLY A 255 -8.96 -7.16 -3.03
C GLY A 255 -9.40 -8.45 -3.67
N GLN A 256 -8.57 -9.49 -3.61
CA GLN A 256 -8.86 -10.76 -4.27
C GLN A 256 -8.62 -11.93 -3.32
N THR A 257 -9.12 -11.84 -2.09
CA THR A 257 -8.95 -12.95 -1.16
C THR A 257 -9.87 -14.13 -1.48
N MET A 258 -10.93 -13.91 -2.26
CA MET A 258 -11.80 -15.02 -2.63
C MET A 258 -11.09 -16.03 -3.51
N LEU A 259 -10.26 -15.56 -4.45
CA LEU A 259 -9.48 -16.48 -5.27
C LEU A 259 -8.53 -17.32 -4.41
N ARG A 260 -7.87 -16.67 -3.44
CA ARG A 260 -6.95 -17.37 -2.57
C ARG A 260 -7.68 -18.41 -1.72
N TRP A 261 -8.83 -18.04 -1.16
CA TRP A 261 -9.58 -18.99 -0.34
C TRP A 261 -10.18 -20.10 -1.18
N GLY A 262 -10.47 -19.84 -2.46
CA GLY A 262 -10.89 -20.92 -3.34
C GLY A 262 -9.77 -21.91 -3.61
N VAL A 263 -8.56 -21.40 -3.81
CA VAL A 263 -7.40 -22.29 -3.94
C VAL A 263 -7.22 -23.09 -2.66
N ILE A 264 -7.43 -22.46 -1.51
CA ILE A 264 -7.33 -23.16 -0.24
C ILE A 264 -8.38 -24.26 -0.15
N ALA A 265 -9.62 -23.96 -0.53
CA ALA A 265 -10.68 -24.95 -0.48
C ALA A 265 -10.40 -26.12 -1.41
N ARG A 266 -9.85 -25.85 -2.58
CA ARG A 266 -9.40 -26.94 -3.45
C ARG A 266 -8.32 -27.77 -2.75
N SER A 267 -7.37 -27.10 -2.11
CA SER A 267 -6.30 -27.81 -1.41
C SER A 267 -6.80 -28.59 -0.21
N SER A 268 -7.90 -28.16 0.41
CA SER A 268 -8.43 -28.85 1.58
C SER A 268 -9.36 -30.00 1.22
N ASN A 269 -9.59 -30.24 -0.06
CA ASN A 269 -10.38 -31.38 -0.53
C ASN A 269 -11.77 -31.40 0.11
N ASN A 270 -12.39 -30.23 0.19
CA ASN A 270 -13.75 -30.14 0.73
C ASN A 270 -14.70 -30.98 -0.10
N ILE A 271 -15.62 -31.68 0.58
CA ILE A 271 -16.57 -32.53 -0.14
C ILE A 271 -17.61 -31.70 -0.87
N MET A 272 -18.05 -30.59 -0.26
CA MET A 272 -19.16 -29.83 -0.84
C MET A 272 -18.76 -29.09 -2.12
N LEU A 273 -17.49 -29.15 -2.51
CA LEU A 273 -17.10 -28.69 -3.84
C LEU A 273 -17.72 -29.55 -4.93
N GLY A 274 -18.02 -30.82 -4.63
CA GLY A 274 -18.70 -31.71 -5.54
C GLY A 274 -20.21 -31.65 -5.51
N HIS A 275 -20.77 -30.72 -4.74
CA HIS A 275 -22.21 -30.56 -4.67
C HIS A 275 -22.76 -30.13 -6.04
N VAL A 276 -23.98 -30.58 -6.34
CA VAL A 276 -24.52 -30.40 -7.69
C VAL A 276 -24.71 -28.93 -8.03
N SER A 277 -25.10 -28.12 -7.05
CA SER A 277 -25.20 -26.68 -7.29
C SER A 277 -23.83 -26.08 -7.59
N VAL A 278 -22.79 -26.56 -6.93
CA VAL A 278 -21.45 -26.09 -7.21
C VAL A 278 -20.96 -26.60 -8.56
N GLN A 279 -21.19 -27.88 -8.84
CA GLN A 279 -20.71 -28.48 -10.10
C GLN A 279 -21.25 -27.75 -11.32
N ALA A 280 -22.41 -27.11 -11.19
CA ALA A 280 -22.94 -26.30 -12.29
C ALA A 280 -22.15 -25.02 -12.51
N GLU A 281 -21.21 -24.70 -11.63
CA GLU A 281 -20.55 -23.41 -11.64
C GLU A 281 -19.02 -23.49 -11.80
N LEU A 282 -18.43 -24.69 -11.77
CA LEU A 282 -16.98 -24.79 -11.91
C LEU A 282 -16.46 -24.22 -13.22
N LYS A 283 -17.30 -24.14 -14.26
CA LYS A 283 -16.81 -23.64 -15.55
C LYS A 283 -16.43 -22.18 -15.45
N GLN A 284 -17.31 -21.33 -14.91
CA GLN A 284 -17.00 -19.91 -14.83
C GLN A 284 -15.89 -19.64 -13.81
N VAL A 285 -15.78 -20.48 -12.78
CA VAL A 285 -14.68 -20.35 -11.83
C VAL A 285 -13.34 -20.64 -12.52
N THR A 286 -13.29 -21.72 -13.30
CA THR A 286 -12.10 -22.00 -14.09
C THR A 286 -11.82 -20.88 -15.08
N GLU A 287 -12.88 -20.24 -15.60
CA GLU A 287 -12.67 -19.11 -16.50
C GLU A 287 -12.05 -17.93 -15.77
N VAL A 288 -12.49 -17.67 -14.52
CA VAL A 288 -11.90 -16.57 -13.76
C VAL A 288 -10.44 -16.83 -13.47
N TYR A 289 -10.10 -18.06 -13.08
CA TYR A 289 -8.70 -18.38 -12.84
C TYR A 289 -7.88 -18.35 -14.13
N ASP A 290 -8.48 -18.73 -15.27
CA ASP A 290 -7.81 -18.61 -16.55
C ASP A 290 -7.54 -17.15 -16.89
N LEU A 291 -8.49 -16.27 -16.57
CA LEU A 291 -8.27 -14.84 -16.76
C LEU A 291 -7.14 -14.34 -15.87
N VAL A 292 -7.05 -14.85 -14.64
CA VAL A 292 -5.94 -14.50 -13.76
C VAL A 292 -4.62 -14.89 -14.41
N ARG A 293 -4.54 -16.13 -14.90
CA ARG A 293 -3.33 -16.60 -15.57
C ARG A 293 -3.00 -15.75 -16.79
N GLU A 294 -4.02 -15.37 -17.56
CA GLU A 294 -3.80 -14.60 -18.77
C GLU A 294 -3.25 -13.21 -18.46
N MET A 295 -3.84 -12.53 -17.46
CA MET A 295 -3.30 -11.24 -17.06
C MET A 295 -1.88 -11.37 -16.52
N GLY A 296 -1.60 -12.46 -15.80
CA GLY A 296 -0.26 -12.73 -15.36
C GLY A 296 0.07 -12.08 -14.03
N PRO A 297 1.35 -11.77 -13.83
CA PRO A 297 1.78 -11.20 -12.54
C PRO A 297 1.11 -9.89 -12.18
N GLU A 298 0.68 -9.10 -13.16
CA GLU A 298 0.07 -7.82 -12.86
C GLU A 298 -1.38 -7.94 -12.42
N SER A 299 -1.96 -9.14 -12.44
CA SER A 299 -3.35 -9.30 -12.03
C SER A 299 -3.52 -9.09 -10.53
N GLY A 300 -2.44 -9.20 -9.76
CA GLY A 300 -2.55 -9.02 -8.32
C GLY A 300 -2.64 -7.56 -7.91
N LEU A 301 -2.01 -6.68 -8.66
CA LEU A 301 -1.98 -5.27 -8.33
C LEU A 301 -3.18 -4.51 -8.86
N LEU A 302 -4.21 -5.22 -9.33
CA LEU A 302 -5.36 -4.57 -9.95
C LEU A 302 -6.14 -3.74 -8.93
N HIS A 303 -6.47 -4.33 -7.78
CA HIS A 303 -7.26 -3.60 -6.80
C HIS A 303 -6.42 -2.60 -6.02
N LEU A 304 -5.10 -2.77 -5.98
CA LEU A 304 -4.24 -1.75 -5.39
C LEU A 304 -4.16 -0.53 -6.28
N ARG A 305 -3.90 -0.75 -7.58
CA ARG A 305 -3.90 0.35 -8.53
C ARG A 305 -5.28 0.97 -8.68
N GLN A 306 -6.32 0.24 -8.28
CA GLN A 306 -7.72 0.66 -8.44
C GLN A 306 -8.08 0.71 -9.92
N SER A 307 -7.52 -0.21 -10.69
CA SER A 307 -7.77 -0.24 -12.12
C SER A 307 -9.21 -0.65 -12.38
N PRO A 308 -9.89 0.02 -13.33
CA PRO A 308 -11.27 -0.38 -13.65
C PRO A 308 -11.40 -1.80 -14.15
N LYS A 309 -10.34 -2.38 -14.70
CA LYS A 309 -10.37 -3.78 -15.13
C LYS A 309 -10.57 -4.72 -13.96
N ALA A 310 -10.21 -4.32 -12.75
CA ALA A 310 -10.49 -5.13 -11.57
C ALA A 310 -11.99 -5.16 -11.33
N GLY A 311 -12.54 -6.38 -11.23
CA GLY A 311 -13.96 -6.62 -11.32
C GLY A 311 -14.30 -7.70 -12.33
N LEU A 312 -13.42 -7.89 -13.31
CA LEU A 312 -13.47 -9.10 -14.13
C LEU A 312 -13.00 -10.30 -13.33
N LEU A 313 -12.21 -10.06 -12.28
CA LEU A 313 -11.74 -11.11 -11.39
C LEU A 313 -12.72 -11.42 -10.28
N SER A 314 -13.80 -10.66 -10.17
CA SER A 314 -14.79 -10.90 -9.13
C SER A 314 -15.46 -12.26 -9.33
N LEU A 315 -15.68 -12.97 -8.22
CA LEU A 315 -16.40 -14.24 -8.24
C LEU A 315 -17.83 -14.10 -7.72
N ALA A 316 -18.41 -12.90 -7.87
CA ALA A 316 -19.73 -12.62 -7.33
C ALA A 316 -20.84 -13.31 -8.10
N ASN A 317 -20.55 -13.91 -9.24
CA ASN A 317 -21.55 -14.62 -10.03
C ASN A 317 -21.44 -16.14 -9.85
N CYS A 318 -20.82 -16.57 -8.75
CA CYS A 318 -20.72 -17.99 -8.41
C CYS A 318 -21.14 -18.17 -6.96
N PRO A 319 -22.42 -17.94 -6.65
CA PRO A 319 -22.85 -17.96 -5.25
C PRO A 319 -22.60 -19.28 -4.55
N ASN A 320 -22.77 -20.41 -5.25
CA ASN A 320 -22.47 -21.70 -4.64
C ASN A 320 -20.98 -21.82 -4.31
N PHE A 321 -20.13 -21.44 -5.26
CA PHE A 321 -18.69 -21.51 -5.04
C PHE A 321 -18.27 -20.57 -3.93
N ALA A 322 -18.80 -19.35 -3.91
CA ALA A 322 -18.46 -18.41 -2.85
C ALA A 322 -18.92 -18.91 -1.49
N SER A 323 -20.12 -19.48 -1.41
CA SER A 323 -20.61 -20.01 -0.15
C SER A 323 -19.74 -21.16 0.35
N VAL A 324 -19.39 -22.09 -0.55
CA VAL A 324 -18.55 -23.21 -0.14
C VAL A 324 -17.18 -22.72 0.29
N VAL A 325 -16.61 -21.77 -0.44
CA VAL A 325 -15.28 -21.26 -0.10
C VAL A 325 -15.29 -20.56 1.25
N LEU A 326 -16.29 -19.70 1.49
CA LEU A 326 -16.37 -19.01 2.77
C LEU A 326 -16.59 -20.00 3.91
N GLY A 327 -17.42 -21.03 3.69
CA GLY A 327 -17.60 -22.03 4.73
C GLY A 327 -16.33 -22.79 5.03
N ASN A 328 -15.59 -23.19 4.00
CA ASN A 328 -14.33 -23.89 4.21
C ASN A 328 -13.33 -23.00 4.93
N ALA A 329 -13.34 -21.70 4.63
CA ALA A 329 -12.45 -20.78 5.33
C ALA A 329 -12.86 -20.62 6.78
N SER A 330 -14.16 -20.58 7.06
CA SER A 330 -14.63 -20.45 8.44
C SER A 330 -14.31 -21.71 9.25
N GLY A 331 -14.45 -22.88 8.65
CA GLY A 331 -14.15 -24.11 9.37
C GLY A 331 -12.71 -24.19 9.82
N LEU A 332 -11.79 -23.67 9.00
CA LEU A 332 -10.38 -23.69 9.33
C LEU A 332 -9.95 -22.50 10.19
N GLY A 333 -10.89 -21.62 10.56
CA GLY A 333 -10.56 -20.44 11.33
C GLY A 333 -9.97 -19.31 10.52
N ILE A 334 -9.87 -19.47 9.21
CA ILE A 334 -9.24 -18.44 8.37
C ILE A 334 -10.13 -17.20 8.28
N ILE A 335 -11.46 -17.40 8.24
CA ILE A 335 -12.36 -16.34 7.81
C ILE A 335 -12.27 -15.12 8.73
N GLY A 336 -12.03 -15.33 10.02
CA GLY A 336 -11.87 -14.20 10.92
C GLY A 336 -13.06 -13.27 10.89
N MET A 337 -12.78 -11.97 10.75
CA MET A 337 -13.79 -10.92 10.71
C MET A 337 -14.14 -10.54 9.27
N TYR A 338 -14.12 -11.49 8.35
CA TYR A 338 -14.36 -11.22 6.95
C TYR A 338 -15.82 -10.88 6.72
N ARG A 339 -16.08 -9.80 6.00
CA ARG A 339 -17.42 -9.27 5.79
C ARG A 339 -18.08 -9.79 4.53
N GLY A 340 -17.45 -10.70 3.80
CA GLY A 340 -18.02 -11.22 2.57
C GLY A 340 -19.38 -11.86 2.76
N ARG A 341 -20.34 -11.49 1.93
CA ARG A 341 -21.69 -12.02 2.05
C ARG A 341 -21.71 -13.51 1.71
N VAL A 342 -22.59 -14.23 2.40
CA VAL A 342 -22.79 -15.66 2.18
C VAL A 342 -24.12 -15.83 1.44
N PRO A 343 -24.08 -16.22 0.16
CA PRO A 343 -25.34 -16.39 -0.57
C PRO A 343 -26.18 -17.55 -0.06
N ASN A 344 -25.56 -18.72 0.07
CA ASN A 344 -26.24 -19.93 0.54
C ASN A 344 -25.75 -20.25 1.94
N THR A 345 -26.57 -19.94 2.94
CA THR A 345 -26.20 -20.18 4.33
C THR A 345 -26.10 -21.68 4.63
N GLU A 346 -26.93 -22.50 3.99
CA GLU A 346 -26.88 -23.94 4.23
C GLU A 346 -25.56 -24.54 3.76
N LEU A 347 -25.14 -24.17 2.54
CA LEU A 347 -23.85 -24.62 2.04
C LEU A 347 -22.71 -24.12 2.92
N PHE A 348 -22.81 -22.87 3.38
CA PHE A 348 -21.80 -22.32 4.27
C PHE A 348 -21.68 -23.15 5.54
N SER A 349 -22.82 -23.47 6.16
CA SER A 349 -22.80 -24.22 7.41
C SER A 349 -22.26 -25.64 7.19
N ALA A 350 -22.67 -26.29 6.10
CA ALA A 350 -22.18 -27.63 5.82
C ALA A 350 -20.68 -27.63 5.58
N ALA A 351 -20.18 -26.67 4.80
CA ALA A 351 -18.75 -26.58 4.55
C ALA A 351 -17.99 -26.27 5.82
N GLU A 352 -18.53 -25.41 6.68
CA GLU A 352 -17.90 -25.11 7.95
C GLU A 352 -17.81 -26.36 8.82
N SER A 353 -18.90 -27.14 8.88
CA SER A 353 -18.90 -28.35 9.69
C SER A 353 -17.87 -29.35 9.19
N TYR A 354 -17.84 -29.58 7.87
CA TYR A 354 -16.88 -30.54 7.33
C TYR A 354 -15.45 -30.04 7.53
N ALA A 355 -15.20 -28.74 7.34
CA ALA A 355 -13.87 -28.21 7.52
C ALA A 355 -13.40 -28.33 8.97
N LYS A 356 -14.28 -28.07 9.93
CA LYS A 356 -13.91 -28.24 11.33
C LYS A 356 -13.65 -29.70 11.64
N SER A 357 -14.46 -30.61 11.09
CA SER A 357 -14.26 -32.03 11.31
C SER A 357 -12.92 -32.49 10.73
N LEU A 358 -12.53 -31.91 9.60
CA LEU A 358 -11.25 -32.29 8.99
C LEU A 358 -10.09 -31.70 9.77
N LYS A 359 -10.22 -30.45 10.23
CA LYS A 359 -9.14 -29.81 10.99
C LYS A 359 -8.91 -30.53 12.32
N GLU A 360 -10.00 -30.92 13.00
CA GLU A 360 -9.85 -31.66 14.25
C GLU A 360 -9.17 -33.00 14.03
N SER A 361 -9.57 -33.72 12.99
CA SER A 361 -9.00 -35.02 12.69
C SER A 361 -7.62 -34.87 12.07
N ASN A 362 -6.82 -35.93 12.20
CA ASN A 362 -5.49 -35.99 11.60
C ASN A 362 -5.36 -37.30 10.83
N LYS A 363 -4.54 -37.26 9.78
CA LYS A 363 -4.34 -38.42 8.93
C LYS A 363 -2.87 -38.50 8.52
N ILE A 364 -2.46 -39.69 8.08
CA ILE A 364 -1.12 -39.92 7.56
C ILE A 364 -1.23 -40.37 6.11
N ASN A 365 -0.55 -39.67 5.23
CA ASN A 365 -0.62 -39.97 3.80
C ASN A 365 0.71 -40.58 3.33
N ASP B 1 19.79 29.95 18.96
CA ASP B 1 20.66 28.79 19.11
C ASP B 1 19.92 27.52 18.68
N ILE B 2 18.62 27.65 18.46
CA ILE B 2 17.80 26.51 18.06
C ILE B 2 18.22 26.01 16.68
N TYR B 3 18.44 26.92 15.73
CA TYR B 3 18.86 26.54 14.40
C TYR B 3 20.35 26.24 14.31
N GLN B 4 21.09 26.38 15.41
CA GLN B 4 22.51 26.08 15.45
C GLN B 4 22.80 24.64 15.83
N LEU B 5 21.77 23.81 15.97
CA LEU B 5 21.93 22.46 16.48
C LEU B 5 22.62 21.57 15.44
N ILE B 6 23.10 20.42 15.92
CA ILE B 6 23.85 19.51 15.06
C ILE B 6 22.97 18.96 13.95
N MET B 7 21.80 18.43 14.32
CA MET B 7 20.89 17.79 13.38
C MET B 7 21.58 16.66 12.62
#